data_8FUC
#
_entry.id   8FUC
#
_cell.length_a   78.550
_cell.length_b   90.180
_cell.length_c   98.040
_cell.angle_alpha   90.000
_cell.angle_beta   90.000
_cell.angle_gamma   90.000
#
_symmetry.space_group_name_H-M   'P 21 21 21'
#
loop_
_entity.id
_entity.type
_entity.pdbx_description
1 polymer 'Matrix protein'
2 polymer 'Importin subunit alpha-1'
3 polymer 'Contaminant peptide KKLARE'
4 water water
#
loop_
_entity_poly.entity_id
_entity_poly.type
_entity_poly.pdbx_seq_one_letter_code
_entity_poly.pdbx_strand_id
1 'polypeptide(L)' VRRAGKYYSVEYCKRKID A
2 'polypeptide(L)'
;MHHHHHHSSGLVPRGSGMLETAAALFERNHMDSPDLGTDDDDLAMADIGSNQGTVNWSVEDIVKGINSNNLESQLQATQA
ARKLLSREKQPPIDNIIRAGLIPKFVSFLGKTDCSPIQFESAWALTNIASGTSEQTKAVVDGGAIPAFISLLASPHAHIS
EQAVWALGNIAGDGSAFRDLVIKHGAIDPLLALLAVPDLSTLACGYLRNLTWTLSNLCRNKNPAPPLDAVEQILPTLVRL
LHHNDPEVLADSCWAISYLTDGPNERIEMVVKKGVVPQLVKLLGATELPIVTPALRAIGNIVTGTDEQTQKVIDAGALAV
FPSLLTNPKTNIQKEATWTMSNITAGRQDQIQQVVNHGLVPFLVGVLSKADFKTQKEAAWAITNYTSGGTVEQIVYLVHC
GIIEPLMNLLSAKDTKIIQVILDAISNIFQAAEKLGETEKLSIMIEECGGLDKIEALQRHENESVYKASLNLIEKYFSVE
EEEDQNVVPETTSEGFAFQVQDGAPGTFNF
;
B
3 'polypeptide(L)' KKLARE F
#
# COMPACT_ATOMS: atom_id res chain seq x y z
N CYS A 13 20.98 1.01 -7.58
CA CYS A 13 20.56 1.95 -6.54
C CYS A 13 19.14 1.63 -6.04
N LYS A 14 18.67 2.38 -5.06
CA LYS A 14 17.32 2.18 -4.54
C LYS A 14 16.29 2.36 -5.64
N ARG A 15 15.29 1.47 -5.69
CA ARG A 15 14.23 1.52 -6.68
C ARG A 15 12.90 1.76 -5.96
N LYS A 16 12.42 3.01 -6.03
CA LYS A 16 11.11 3.34 -5.50
C LYS A 16 10.02 2.65 -6.32
N ILE A 17 8.83 2.55 -5.74
CA ILE A 17 7.67 1.91 -6.38
C ILE A 17 8.06 0.78 -7.33
N GLY B 53 -42.98 -1.86 4.47
CA GLY B 53 -43.19 -0.45 4.77
C GLY B 53 -42.41 0.47 3.87
N THR B 54 -41.07 0.42 3.97
CA THR B 54 -40.18 1.21 3.14
C THR B 54 -39.32 0.32 2.25
N VAL B 55 -39.80 -0.87 1.93
CA VAL B 55 -39.05 -1.86 1.16
C VAL B 55 -39.60 -1.90 -0.25
N ASN B 56 -38.70 -1.82 -1.23
CA ASN B 56 -39.05 -1.96 -2.65
C ASN B 56 -39.93 -0.81 -3.16
N TRP B 57 -39.65 0.39 -2.68
CA TRP B 57 -40.29 1.56 -3.27
C TRP B 57 -39.74 1.82 -4.65
N SER B 58 -40.56 2.39 -5.52
CA SER B 58 -40.09 2.91 -6.79
C SER B 58 -39.47 4.28 -6.60
N VAL B 59 -38.57 4.65 -7.51
CA VAL B 59 -37.97 5.97 -7.46
C VAL B 59 -39.05 7.05 -7.51
N GLU B 60 -40.09 6.82 -8.30
CA GLU B 60 -41.14 7.85 -8.44
C GLU B 60 -41.92 8.04 -7.16
N ASP B 61 -42.08 6.98 -6.35
CA ASP B 61 -42.71 7.13 -5.05
C ASP B 61 -41.79 7.81 -4.05
N ILE B 62 -40.50 7.47 -4.08
CA ILE B 62 -39.52 8.18 -3.24
C ILE B 62 -39.57 9.67 -3.54
N VAL B 63 -39.54 10.03 -4.83
CA VAL B 63 -39.56 11.43 -5.21
C VAL B 63 -40.83 12.10 -4.71
N LYS B 64 -41.97 11.43 -4.84
CA LYS B 64 -43.23 11.97 -4.36
C LYS B 64 -43.17 12.27 -2.86
N GLY B 65 -42.61 11.35 -2.08
CA GLY B 65 -42.54 11.55 -0.64
C GLY B 65 -41.56 12.64 -0.25
N ILE B 66 -40.42 12.71 -0.94
CA ILE B 66 -39.43 13.73 -0.60
C ILE B 66 -39.92 15.11 -1.03
N ASN B 67 -40.68 15.19 -2.13
CA ASN B 67 -41.25 16.45 -2.57
C ASN B 67 -42.48 16.87 -1.79
N SER B 68 -43.04 15.99 -0.95
CA SER B 68 -44.12 16.41 -0.08
C SER B 68 -43.63 17.52 0.85
N ASN B 69 -44.57 18.23 1.44
CA ASN B 69 -44.25 19.25 2.44
C ASN B 69 -44.27 18.70 3.85
N ASN B 70 -44.00 17.41 4.00
CA ASN B 70 -44.28 16.68 5.25
C ASN B 70 -43.01 15.94 5.67
N LEU B 71 -42.43 16.37 6.79
CA LEU B 71 -41.14 15.83 7.21
C LEU B 71 -41.21 14.33 7.44
N GLU B 72 -42.27 13.85 8.08
CA GLU B 72 -42.37 12.41 8.31
C GLU B 72 -42.51 11.67 7.00
N SER B 73 -43.30 12.20 6.06
CA SER B 73 -43.33 11.62 4.72
C SER B 73 -41.95 11.66 4.08
N GLN B 74 -41.24 12.79 4.23
CA GLN B 74 -39.88 12.88 3.71
C GLN B 74 -38.97 11.85 4.39
N LEU B 75 -39.09 11.69 5.71
CA LEU B 75 -38.29 10.70 6.41
C LEU B 75 -38.58 9.30 5.88
N GLN B 76 -39.85 8.96 5.69
CA GLN B 76 -40.20 7.63 5.19
C GLN B 76 -39.63 7.39 3.79
N ALA B 77 -39.76 8.39 2.91
CA ALA B 77 -39.23 8.23 1.56
C ALA B 77 -37.71 8.16 1.57
N THR B 78 -37.06 8.92 2.45
CA THR B 78 -35.60 8.88 2.52
C THR B 78 -35.12 7.52 2.98
N GLN B 79 -35.77 6.94 3.98
CA GLN B 79 -35.47 5.57 4.36
C GLN B 79 -35.66 4.62 3.18
N ALA B 80 -36.76 4.78 2.44
CA ALA B 80 -37.00 3.92 1.29
C ALA B 80 -35.86 4.04 0.28
N ALA B 81 -35.32 5.24 0.11
CA ALA B 81 -34.17 5.43 -0.78
C ALA B 81 -32.93 4.77 -0.21
N ARG B 82 -32.70 4.91 1.10
CA ARG B 82 -31.55 4.25 1.72
C ARG B 82 -31.59 2.76 1.47
N LYS B 83 -32.77 2.13 1.60
CA LYS B 83 -32.86 0.69 1.45
C LYS B 83 -32.63 0.28 0.00
N LEU B 84 -33.17 1.03 -0.95
CA LEU B 84 -32.85 0.79 -2.36
C LEU B 84 -31.34 0.83 -2.57
N LEU B 85 -30.68 1.89 -2.11
CA LEU B 85 -29.26 2.09 -2.37
C LEU B 85 -28.37 1.13 -1.59
N SER B 86 -28.93 0.39 -0.62
CA SER B 86 -28.17 -0.55 0.18
C SER B 86 -28.41 -2.00 -0.22
N ARG B 87 -28.99 -2.23 -1.41
CA ARG B 87 -29.17 -3.57 -1.92
C ARG B 87 -27.93 -3.99 -2.70
N GLU B 88 -27.55 -5.26 -2.54
CA GLU B 88 -26.28 -5.72 -3.08
C GLU B 88 -26.26 -5.71 -4.61
N LYS B 89 -27.39 -5.97 -5.25
CA LYS B 89 -27.46 -6.12 -6.69
C LYS B 89 -27.92 -4.82 -7.34
N GLN B 90 -27.07 -4.25 -8.19
CA GLN B 90 -27.36 -3.10 -9.04
C GLN B 90 -28.26 -2.08 -8.33
N PRO B 91 -27.80 -1.48 -7.24
CA PRO B 91 -28.55 -0.37 -6.63
C PRO B 91 -28.70 0.77 -7.61
N PRO B 92 -29.89 1.35 -7.73
CA PRO B 92 -30.15 2.33 -8.80
C PRO B 92 -29.59 3.72 -8.47
N ILE B 93 -28.28 3.78 -8.25
CA ILE B 93 -27.64 5.05 -7.91
C ILE B 93 -27.94 6.10 -8.97
N ASP B 94 -27.73 5.76 -10.25
CA ASP B 94 -27.90 6.76 -11.29
C ASP B 94 -29.35 7.23 -11.40
N ASN B 95 -30.31 6.32 -11.20
CA ASN B 95 -31.71 6.73 -11.23
C ASN B 95 -32.01 7.71 -10.10
N ILE B 96 -31.47 7.45 -8.90
CA ILE B 96 -31.67 8.35 -7.77
C ILE B 96 -31.05 9.72 -8.08
N ILE B 97 -29.88 9.73 -8.71
CA ILE B 97 -29.24 10.99 -9.06
C ILE B 97 -30.07 11.73 -10.11
N ARG B 98 -30.45 11.03 -11.18
CA ARG B 98 -31.25 11.68 -12.23
C ARG B 98 -32.56 12.22 -11.69
N ALA B 99 -33.11 11.60 -10.64
CA ALA B 99 -34.31 12.10 -10.01
C ALA B 99 -34.06 13.40 -9.23
N GLY B 100 -32.82 13.86 -9.14
CA GLY B 100 -32.54 15.12 -8.48
C GLY B 100 -32.61 15.07 -6.97
N LEU B 101 -32.41 13.90 -6.37
CA LEU B 101 -32.62 13.74 -4.94
C LEU B 101 -31.43 14.20 -4.08
N ILE B 102 -30.23 14.30 -4.65
CA ILE B 102 -29.07 14.64 -3.82
C ILE B 102 -29.25 15.97 -3.08
N PRO B 103 -29.62 17.07 -3.74
CA PRO B 103 -29.79 18.32 -2.97
C PRO B 103 -30.78 18.20 -1.83
N LYS B 104 -31.82 17.37 -2.00
CA LYS B 104 -32.76 17.14 -0.90
C LYS B 104 -32.09 16.39 0.24
N PHE B 105 -31.38 15.30 -0.07
CA PHE B 105 -30.65 14.58 0.96
C PHE B 105 -29.70 15.51 1.72
N VAL B 106 -28.98 16.37 0.98
CA VAL B 106 -28.02 17.25 1.64
C VAL B 106 -28.73 18.22 2.56
N SER B 107 -29.88 18.76 2.14
CA SER B 107 -30.64 19.61 3.03
CA SER B 107 -30.64 19.61 3.03
C SER B 107 -31.05 18.86 4.30
N PHE B 108 -31.43 17.59 4.15
CA PHE B 108 -31.86 16.80 5.29
C PHE B 108 -30.73 16.59 6.29
N LEU B 109 -29.47 16.62 5.84
CA LEU B 109 -28.36 16.50 6.79
C LEU B 109 -28.38 17.60 7.84
N GLY B 110 -29.01 18.74 7.54
CA GLY B 110 -29.06 19.85 8.47
C GLY B 110 -30.26 19.89 9.38
N LYS B 111 -31.13 18.87 9.34
CA LYS B 111 -32.36 18.86 10.14
C LYS B 111 -32.07 18.34 11.54
N THR B 112 -31.51 19.23 12.38
CA THR B 112 -31.09 18.84 13.71
C THR B 112 -32.24 18.29 14.54
N ASP B 113 -33.47 18.77 14.30
CA ASP B 113 -34.61 18.34 15.09
C ASP B 113 -35.13 16.96 14.70
N CYS B 114 -34.69 16.42 13.57
CA CYS B 114 -35.11 15.11 13.09
C CYS B 114 -33.86 14.29 12.79
N SER B 115 -33.21 13.82 13.87
CA SER B 115 -32.01 13.01 13.70
C SER B 115 -32.23 11.77 12.84
N PRO B 116 -33.39 11.12 12.84
CA PRO B 116 -33.57 9.98 11.91
C PRO B 116 -33.38 10.34 10.45
N ILE B 117 -33.87 11.50 10.01
CA ILE B 117 -33.73 11.83 8.58
C ILE B 117 -32.29 12.26 8.29
N GLN B 118 -31.61 12.84 9.28
CA GLN B 118 -30.17 13.04 9.16
C GLN B 118 -29.46 11.71 8.90
N PHE B 119 -29.74 10.71 9.73
CA PHE B 119 -29.10 9.41 9.58
C PHE B 119 -29.44 8.79 8.24
N GLU B 120 -30.73 8.77 7.89
CA GLU B 120 -31.16 8.11 6.65
C GLU B 120 -30.56 8.81 5.42
N SER B 121 -30.56 10.15 5.41
CA SER B 121 -29.98 10.86 4.28
CA SER B 121 -29.97 10.87 4.29
C SER B 121 -28.46 10.67 4.22
N ALA B 122 -27.80 10.63 5.39
CA ALA B 122 -26.35 10.40 5.42
C ALA B 122 -26.00 9.03 4.85
N TRP B 123 -26.77 8.01 5.23
CA TRP B 123 -26.55 6.65 4.73
C TRP B 123 -26.81 6.58 3.23
N ALA B 124 -27.91 7.17 2.77
CA ALA B 124 -28.18 7.21 1.34
C ALA B 124 -27.02 7.84 0.59
N LEU B 125 -26.54 8.99 1.05
CA LEU B 125 -25.47 9.70 0.36
C LEU B 125 -24.15 8.94 0.45
N THR B 126 -23.88 8.27 1.59
CA THR B 126 -22.69 7.44 1.70
C THR B 126 -22.67 6.39 0.59
N ASN B 127 -23.81 5.75 0.34
CA ASN B 127 -23.86 4.69 -0.66
C ASN B 127 -23.76 5.25 -2.08
N ILE B 128 -24.33 6.44 -2.32
CA ILE B 128 -24.09 7.08 -3.61
C ILE B 128 -22.60 7.38 -3.78
N ALA B 129 -21.99 7.95 -2.75
CA ALA B 129 -20.59 8.35 -2.83
C ALA B 129 -19.64 7.17 -2.90
N SER B 130 -20.11 5.96 -2.58
CA SER B 130 -19.31 4.75 -2.68
C SER B 130 -19.16 4.24 -4.10
N GLY B 131 -19.82 4.89 -5.08
CA GLY B 131 -19.81 4.40 -6.45
C GLY B 131 -18.70 4.95 -7.31
N THR B 132 -19.02 5.29 -8.56
CA THR B 132 -18.02 5.80 -9.47
C THR B 132 -17.61 7.21 -9.06
N SER B 133 -16.49 7.68 -9.64
CA SER B 133 -16.07 9.05 -9.41
C SER B 133 -17.15 10.04 -9.82
N GLU B 134 -17.91 9.74 -10.87
CA GLU B 134 -18.97 10.65 -11.28
C GLU B 134 -20.10 10.66 -10.25
N GLN B 135 -20.42 9.51 -9.68
CA GLN B 135 -21.41 9.44 -8.62
C GLN B 135 -20.91 10.12 -7.34
N THR B 136 -19.64 9.94 -6.99
CA THR B 136 -19.08 10.67 -5.86
C THR B 136 -19.11 12.18 -6.11
N LYS B 137 -18.81 12.59 -7.34
CA LYS B 137 -18.79 14.01 -7.67
C LYS B 137 -20.18 14.62 -7.50
N ALA B 138 -21.23 13.87 -7.85
CA ALA B 138 -22.58 14.39 -7.67
C ALA B 138 -22.87 14.69 -6.21
N VAL B 139 -22.40 13.83 -5.30
CA VAL B 139 -22.55 14.08 -3.87
C VAL B 139 -21.81 15.34 -3.48
N VAL B 140 -20.54 15.45 -3.87
CA VAL B 140 -19.76 16.65 -3.58
C VAL B 140 -20.44 17.87 -4.18
N ASP B 141 -20.89 17.77 -5.44
CA ASP B 141 -21.49 18.92 -6.11
C ASP B 141 -22.74 19.41 -5.39
N GLY B 142 -23.38 18.57 -4.59
CA GLY B 142 -24.56 18.96 -3.84
C GLY B 142 -24.28 19.67 -2.54
N GLY B 143 -23.02 19.89 -2.20
CA GLY B 143 -22.67 20.56 -0.96
C GLY B 143 -22.49 19.63 0.21
N ALA B 144 -22.27 18.35 -0.03
CA ALA B 144 -22.29 17.37 1.04
C ALA B 144 -21.09 17.46 1.97
N ILE B 145 -19.96 18.00 1.52
CA ILE B 145 -18.74 17.96 2.32
C ILE B 145 -18.91 18.78 3.59
N PRO B 146 -19.26 20.07 3.51
CA PRO B 146 -19.45 20.83 4.75
C PRO B 146 -20.61 20.30 5.58
N ALA B 147 -21.66 19.78 4.94
CA ALA B 147 -22.77 19.22 5.70
C ALA B 147 -22.31 18.03 6.54
N PHE B 148 -21.52 17.14 5.94
CA PHE B 148 -21.03 15.96 6.66
C PHE B 148 -20.06 16.35 7.76
N ILE B 149 -19.19 17.34 7.51
CA ILE B 149 -18.23 17.73 8.54
C ILE B 149 -18.96 18.26 9.76
N SER B 150 -20.04 19.01 9.54
CA SER B 150 -20.83 19.52 10.66
C SER B 150 -21.48 18.39 11.45
N LEU B 151 -21.71 17.24 10.81
CA LEU B 151 -22.31 16.10 11.48
C LEU B 151 -21.30 15.28 12.30
N LEU B 152 -20.00 15.52 12.11
CA LEU B 152 -19.01 14.78 12.89
C LEU B 152 -19.17 15.01 14.39
N ALA B 153 -19.62 16.20 14.78
CA ALA B 153 -19.82 16.54 16.19
C ALA B 153 -21.23 16.21 16.68
N SER B 154 -21.97 15.37 15.96
CA SER B 154 -23.33 15.06 16.36
C SER B 154 -23.33 14.28 17.67
N PRO B 155 -24.28 14.56 18.57
CA PRO B 155 -24.38 13.76 19.80
C PRO B 155 -24.86 12.34 19.55
N HIS B 156 -25.34 12.05 18.34
CA HIS B 156 -25.81 10.71 17.99
C HIS B 156 -24.65 9.97 17.33
N ALA B 157 -24.12 8.97 18.03
CA ALA B 157 -22.90 8.30 17.58
C ALA B 157 -23.08 7.70 16.20
N HIS B 158 -24.25 7.12 15.92
CA HIS B 158 -24.46 6.48 14.63
C HIS B 158 -24.52 7.50 13.49
N ILE B 159 -24.83 8.76 13.80
CA ILE B 159 -24.85 9.80 12.77
C ILE B 159 -23.45 10.31 12.50
N SER B 160 -22.67 10.55 13.56
CA SER B 160 -21.28 10.92 13.37
CA SER B 160 -21.27 10.92 13.39
C SER B 160 -20.51 9.85 12.62
N GLU B 161 -20.75 8.57 12.96
CA GLU B 161 -20.06 7.48 12.26
C GLU B 161 -20.44 7.45 10.78
N GLN B 162 -21.70 7.70 10.46
CA GLN B 162 -22.10 7.72 9.06
C GLN B 162 -21.40 8.86 8.32
N ALA B 163 -21.24 10.01 8.99
CA ALA B 163 -20.53 11.13 8.39
C ALA B 163 -19.06 10.81 8.18
N VAL B 164 -18.45 10.10 9.13
CA VAL B 164 -17.08 9.64 8.96
C VAL B 164 -16.97 8.77 7.72
N TRP B 165 -17.86 7.78 7.61
CA TRP B 165 -17.90 6.87 6.46
C TRP B 165 -18.05 7.65 5.15
N ALA B 166 -18.98 8.60 5.12
CA ALA B 166 -19.23 9.35 3.89
C ALA B 166 -17.99 10.12 3.45
N LEU B 167 -17.32 10.77 4.40
CA LEU B 167 -16.12 11.53 4.07
C LEU B 167 -14.99 10.62 3.62
N GLY B 168 -14.92 9.40 4.15
CA GLY B 168 -13.94 8.44 3.67
C GLY B 168 -14.15 8.08 2.22
N ASN B 169 -15.40 7.84 1.82
CA ASN B 169 -15.70 7.59 0.41
C ASN B 169 -15.32 8.79 -0.46
N ILE B 170 -15.63 10.00 0.00
CA ILE B 170 -15.35 11.18 -0.81
C ILE B 170 -13.85 11.39 -0.94
N ALA B 171 -13.13 11.40 0.19
CA ALA B 171 -11.68 11.56 0.15
C ALA B 171 -11.03 10.43 -0.65
N GLY B 172 -11.57 9.22 -0.56
CA GLY B 172 -11.00 8.09 -1.27
C GLY B 172 -11.14 8.15 -2.79
N ASP B 173 -11.90 9.10 -3.32
CA ASP B 173 -12.01 9.21 -4.77
C ASP B 173 -10.66 9.50 -5.42
N GLY B 174 -9.86 10.36 -4.80
CA GLY B 174 -8.65 10.84 -5.43
C GLY B 174 -8.11 12.05 -4.69
N SER B 175 -6.94 12.51 -5.15
CA SER B 175 -6.21 13.55 -4.42
CA SER B 175 -6.22 13.54 -4.42
C SER B 175 -7.01 14.85 -4.34
N ALA B 176 -7.75 15.18 -5.40
CA ALA B 176 -8.46 16.46 -5.43
C ALA B 176 -9.59 16.50 -4.39
N PHE B 177 -10.43 15.46 -4.35
CA PHE B 177 -11.48 15.44 -3.34
C PHE B 177 -10.89 15.26 -1.94
N ARG B 178 -9.81 14.47 -1.82
CA ARG B 178 -9.08 14.36 -0.55
C ARG B 178 -8.69 15.75 -0.04
N ASP B 179 -8.04 16.54 -0.89
CA ASP B 179 -7.60 17.86 -0.44
C ASP B 179 -8.77 18.80 -0.23
N LEU B 180 -9.87 18.60 -0.96
CA LEU B 180 -11.05 19.44 -0.75
C LEU B 180 -11.69 19.13 0.60
N VAL B 181 -11.76 17.84 0.98
CA VAL B 181 -12.24 17.49 2.32
C VAL B 181 -11.36 18.13 3.38
N ILE B 182 -10.04 18.13 3.16
CA ILE B 182 -9.13 18.74 4.12
C ILE B 182 -9.33 20.24 4.20
N LYS B 183 -9.50 20.90 3.04
CA LYS B 183 -9.69 22.35 3.05
C LYS B 183 -10.97 22.77 3.77
N HIS B 184 -12.01 21.93 3.68
CA HIS B 184 -13.25 22.20 4.40
C HIS B 184 -13.11 21.99 5.91
N GLY B 185 -11.96 21.53 6.39
CA GLY B 185 -11.71 21.44 7.82
C GLY B 185 -12.08 20.12 8.46
N ALA B 186 -11.94 19.01 7.75
CA ALA B 186 -12.39 17.73 8.28
C ALA B 186 -11.47 17.17 9.36
N ILE B 187 -10.17 17.52 9.32
CA ILE B 187 -9.20 16.78 10.12
C ILE B 187 -9.41 17.05 11.62
N ASP B 188 -9.58 18.31 11.99
CA ASP B 188 -9.74 18.64 13.41
C ASP B 188 -10.90 17.90 14.05
N PRO B 189 -12.13 17.94 13.51
CA PRO B 189 -13.21 17.18 14.13
C PRO B 189 -13.02 15.67 14.06
N LEU B 190 -12.35 15.15 13.04
CA LEU B 190 -12.08 13.72 13.00
C LEU B 190 -11.12 13.32 14.10
N LEU B 191 -10.05 14.10 14.31
CA LEU B 191 -9.09 13.75 15.35
C LEU B 191 -9.69 13.93 16.74
N ALA B 192 -10.63 14.85 16.91
CA ALA B 192 -11.27 15.03 18.20
C ALA B 192 -12.05 13.79 18.63
N LEU B 193 -12.61 13.04 17.67
CA LEU B 193 -13.32 11.82 18.03
C LEU B 193 -12.40 10.73 18.55
N LEU B 194 -11.10 10.83 18.27
CA LEU B 194 -10.12 9.86 18.71
C LEU B 194 -9.26 10.37 19.86
N ALA B 195 -9.53 11.56 20.37
CA ALA B 195 -8.73 12.14 21.46
C ALA B 195 -9.29 11.66 22.80
N VAL B 196 -9.08 10.37 23.06
CA VAL B 196 -9.52 9.74 24.29
C VAL B 196 -8.32 9.06 24.96
N PRO B 197 -8.32 8.91 26.29
CA PRO B 197 -7.17 8.26 26.94
C PRO B 197 -6.87 6.87 26.41
N ASP B 198 -7.89 6.06 26.19
CA ASP B 198 -7.70 4.68 25.76
C ASP B 198 -8.66 4.37 24.61
N LEU B 199 -8.10 4.02 23.45
CA LEU B 199 -8.93 3.73 22.29
C LEU B 199 -9.89 2.57 22.54
N SER B 200 -9.60 1.69 23.49
CA SER B 200 -10.44 0.52 23.72
CA SER B 200 -10.44 0.52 23.73
C SER B 200 -11.83 0.88 24.23
N THR B 201 -12.05 2.11 24.68
CA THR B 201 -13.37 2.50 25.15
C THR B 201 -14.31 2.89 24.01
N LEU B 202 -13.79 3.08 22.80
CA LEU B 202 -14.63 3.38 21.66
C LEU B 202 -15.22 2.10 21.08
N ALA B 203 -16.38 2.23 20.47
CA ALA B 203 -17.00 1.10 19.79
C ALA B 203 -16.10 0.62 18.65
N CYS B 204 -16.00 -0.70 18.50
CA CYS B 204 -15.09 -1.27 17.53
C CYS B 204 -15.41 -0.80 16.11
N GLY B 205 -16.68 -0.89 15.71
CA GLY B 205 -17.04 -0.45 14.37
C GLY B 205 -16.75 1.02 14.14
N TYR B 206 -17.08 1.85 15.14
CA TYR B 206 -16.77 3.28 15.08
C TYR B 206 -15.27 3.49 14.85
N LEU B 207 -14.44 2.88 15.68
CA LEU B 207 -12.99 3.06 15.57
C LEU B 207 -12.48 2.61 14.20
N ARG B 208 -12.99 1.48 13.69
CA ARG B 208 -12.53 0.99 12.39
C ARG B 208 -12.88 1.96 11.27
N ASN B 209 -14.06 2.59 11.35
CA ASN B 209 -14.44 3.54 10.32
C ASN B 209 -13.57 4.79 10.39
N LEU B 210 -13.29 5.26 11.60
CA LEU B 210 -12.41 6.42 11.75
C LEU B 210 -11.02 6.12 11.19
N THR B 211 -10.48 4.94 11.51
CA THR B 211 -9.16 4.58 10.99
C THR B 211 -9.18 4.51 9.47
N TRP B 212 -10.22 3.90 8.89
CA TRP B 212 -10.27 3.77 7.44
C TRP B 212 -10.38 5.14 6.77
N THR B 213 -11.13 6.07 7.36
CA THR B 213 -11.29 7.38 6.75
C THR B 213 -9.99 8.19 6.86
N LEU B 214 -9.32 8.13 8.00
CA LEU B 214 -8.01 8.77 8.11
C LEU B 214 -7.03 8.18 7.12
N SER B 215 -7.12 6.88 6.86
CA SER B 215 -6.21 6.26 5.89
C SER B 215 -6.45 6.81 4.48
N ASN B 216 -7.71 7.07 4.11
CA ASN B 216 -7.97 7.69 2.82
C ASN B 216 -7.45 9.12 2.76
N LEU B 217 -7.44 9.83 3.88
CA LEU B 217 -6.84 11.16 3.89
C LEU B 217 -5.32 11.11 3.74
N CYS B 218 -4.71 9.95 3.99
CA CYS B 218 -3.28 9.75 3.76
C CYS B 218 -2.98 9.17 2.38
N ARG B 219 -4.00 8.74 1.65
CA ARG B 219 -3.82 8.00 0.41
C ARG B 219 -3.67 8.93 -0.79
N ASN B 220 -3.02 8.40 -1.82
CA ASN B 220 -2.93 8.96 -3.17
C ASN B 220 -1.80 9.97 -3.31
N LYS B 221 -1.31 10.12 -4.54
CA LYS B 221 -0.15 10.93 -4.87
C LYS B 221 -0.53 11.87 -6.02
N ASN B 222 0.42 12.70 -6.42
CA ASN B 222 0.22 13.64 -7.52
C ASN B 222 -1.04 14.48 -7.30
N PRO B 223 -1.07 15.31 -6.26
CA PRO B 223 -0.01 15.43 -5.26
C PRO B 223 -0.25 14.51 -4.07
N ALA B 224 0.80 14.33 -3.26
CA ALA B 224 0.65 13.69 -1.96
C ALA B 224 -0.15 14.63 -1.04
N PRO B 225 -0.67 14.11 0.08
CA PRO B 225 -1.43 14.96 0.98
C PRO B 225 -0.59 16.12 1.46
N PRO B 226 -1.23 17.23 1.85
CA PRO B 226 -0.46 18.39 2.35
C PRO B 226 0.38 18.02 3.57
N LEU B 227 1.59 18.57 3.62
CA LEU B 227 2.53 18.22 4.69
C LEU B 227 1.96 18.54 6.07
N ASP B 228 1.31 19.70 6.21
CA ASP B 228 0.74 20.05 7.51
C ASP B 228 -0.39 19.10 7.90
N ALA B 229 -1.15 18.61 6.92
CA ALA B 229 -2.20 17.64 7.23
C ALA B 229 -1.60 16.32 7.70
N VAL B 230 -0.52 15.88 7.05
CA VAL B 230 0.14 14.65 7.48
C VAL B 230 0.67 14.81 8.90
N GLU B 231 1.32 15.94 9.17
CA GLU B 231 1.86 16.17 10.51
C GLU B 231 0.76 16.21 11.55
N GLN B 232 -0.40 16.77 11.20
CA GLN B 232 -1.52 16.82 12.12
C GLN B 232 -2.08 15.42 12.40
N ILE B 233 -2.07 14.54 11.39
CA ILE B 233 -2.69 13.22 11.54
C ILE B 233 -1.74 12.23 12.22
N LEU B 234 -0.43 12.38 12.03
CA LEU B 234 0.49 11.29 12.38
C LEU B 234 0.40 10.86 13.84
N PRO B 235 0.38 11.76 14.84
CA PRO B 235 0.34 11.27 16.23
C PRO B 235 -0.83 10.35 16.52
N THR B 236 -2.02 10.68 16.00
CA THR B 236 -3.16 9.79 16.18
C THR B 236 -2.95 8.49 15.43
N LEU B 237 -2.38 8.58 14.23
CA LEU B 237 -2.13 7.37 13.45
CA LEU B 237 -2.12 7.38 13.44
C LEU B 237 -1.20 6.41 14.18
N VAL B 238 -0.14 6.94 14.81
CA VAL B 238 0.79 6.07 15.52
C VAL B 238 0.08 5.43 16.70
N ARG B 239 -0.89 6.13 17.30
CA ARG B 239 -1.67 5.53 18.37
CA ARG B 239 -1.69 5.54 18.37
C ARG B 239 -2.52 4.37 17.85
N LEU B 240 -3.16 4.54 16.69
CA LEU B 240 -3.94 3.46 16.10
C LEU B 240 -3.07 2.28 15.69
N LEU B 241 -1.84 2.56 15.26
CA LEU B 241 -0.92 1.50 14.87
C LEU B 241 -0.54 0.61 16.04
N HIS B 242 -0.78 1.05 17.27
CA HIS B 242 -0.53 0.22 18.44
C HIS B 242 -1.80 -0.39 19.02
N HIS B 243 -2.94 -0.22 18.35
CA HIS B 243 -4.18 -0.80 18.84
C HIS B 243 -4.17 -2.32 18.59
N ASN B 244 -5.12 -3.01 19.23
CA ASN B 244 -5.16 -4.47 19.19
C ASN B 244 -6.16 -5.04 18.20
N ASP B 245 -6.98 -4.20 17.57
CA ASP B 245 -7.96 -4.71 16.62
C ASP B 245 -7.29 -5.00 15.27
N PRO B 246 -7.47 -6.21 14.72
CA PRO B 246 -6.77 -6.53 13.46
C PRO B 246 -7.13 -5.61 12.31
N GLU B 247 -8.38 -5.16 12.22
CA GLU B 247 -8.77 -4.31 11.11
C GLU B 247 -8.23 -2.89 11.27
N VAL B 248 -8.26 -2.36 12.50
CA VAL B 248 -7.62 -1.07 12.77
C VAL B 248 -6.14 -1.14 12.43
N LEU B 249 -5.48 -2.25 12.78
CA LEU B 249 -4.06 -2.40 12.50
C LEU B 249 -3.78 -2.46 11.01
N ALA B 250 -4.58 -3.23 10.27
CA ALA B 250 -4.40 -3.32 8.83
C ALA B 250 -4.50 -1.95 8.16
N ASP B 251 -5.53 -1.18 8.52
CA ASP B 251 -5.75 0.10 7.86
C ASP B 251 -4.76 1.17 8.31
N SER B 252 -4.30 1.09 9.56
CA SER B 252 -3.22 1.96 10.02
C SER B 252 -1.94 1.67 9.27
N CYS B 253 -1.63 0.39 9.07
CA CYS B 253 -0.47 0.03 8.25
C CYS B 253 -0.62 0.55 6.83
N TRP B 254 -1.82 0.42 6.25
CA TRP B 254 -2.04 0.95 4.91
C TRP B 254 -1.77 2.45 4.88
N ALA B 255 -2.26 3.17 5.90
CA ALA B 255 -2.03 4.61 5.93
C ALA B 255 -0.54 4.91 6.00
N ILE B 256 0.19 4.19 6.85
CA ILE B 256 1.63 4.39 6.94
C ILE B 256 2.31 4.04 5.63
N SER B 257 1.83 2.99 4.94
CA SER B 257 2.42 2.63 3.66
C SER B 257 2.20 3.74 2.63
N TYR B 258 1.05 4.42 2.68
CA TYR B 258 0.83 5.54 1.78
C TYR B 258 1.77 6.70 2.09
N LEU B 259 1.95 7.01 3.38
CA LEU B 259 2.75 8.16 3.75
C LEU B 259 4.22 7.95 3.44
N THR B 260 4.68 6.70 3.37
CA THR B 260 6.06 6.39 3.06
C THR B 260 6.30 6.15 1.58
N ASP B 261 5.24 6.18 0.77
CA ASP B 261 5.34 6.00 -0.68
C ASP B 261 5.56 7.37 -1.31
N GLY B 262 6.82 7.81 -1.29
CA GLY B 262 7.18 9.10 -1.82
C GLY B 262 8.62 9.49 -1.53
N PRO B 263 8.94 10.78 -1.65
CA PRO B 263 10.31 11.23 -1.41
C PRO B 263 10.77 10.96 0.02
N ASN B 264 12.09 10.99 0.20
CA ASN B 264 12.69 10.61 1.48
C ASN B 264 12.26 11.53 2.60
N GLU B 265 11.91 12.78 2.27
CA GLU B 265 11.40 13.69 3.29
C GLU B 265 10.09 13.17 3.89
N ARG B 266 9.22 12.58 3.04
CA ARG B 266 7.98 12.01 3.55
C ARG B 266 8.28 10.80 4.44
N ILE B 267 9.20 9.94 4.01
CA ILE B 267 9.59 8.80 4.83
C ILE B 267 10.10 9.28 6.19
N GLU B 268 10.90 10.35 6.19
CA GLU B 268 11.50 10.83 7.43
C GLU B 268 10.44 11.28 8.42
N MET B 269 9.39 11.97 7.95
CA MET B 269 8.31 12.39 8.84
C MET B 269 7.76 11.20 9.62
N VAL B 270 7.63 10.05 8.94
CA VAL B 270 7.02 8.87 9.56
C VAL B 270 8.03 8.18 10.47
N VAL B 271 9.22 7.92 9.94
CA VAL B 271 10.24 7.22 10.73
C VAL B 271 10.55 7.99 12.00
N LYS B 272 10.56 9.32 11.92
CA LYS B 272 10.86 10.14 13.08
C LYS B 272 9.88 9.88 14.21
N LYS B 273 8.67 9.42 13.90
CA LYS B 273 7.67 9.13 14.93
C LYS B 273 7.90 7.79 15.61
N GLY B 274 8.94 7.05 15.23
CA GLY B 274 9.29 5.84 15.96
C GLY B 274 8.43 4.62 15.67
N VAL B 275 7.80 4.55 14.49
CA VAL B 275 6.88 3.45 14.18
C VAL B 275 7.57 2.20 13.65
N VAL B 276 8.85 2.28 13.28
CA VAL B 276 9.49 1.14 12.62
C VAL B 276 9.45 -0.12 13.48
N PRO B 277 9.76 -0.07 14.78
CA PRO B 277 9.64 -1.29 15.59
C PRO B 277 8.24 -1.87 15.59
N GLN B 278 7.20 -1.04 15.67
CA GLN B 278 5.85 -1.58 15.60
C GLN B 278 5.58 -2.21 14.25
N LEU B 279 6.08 -1.60 13.17
CA LEU B 279 5.88 -2.17 11.85
C LEU B 279 6.53 -3.55 11.73
N VAL B 280 7.74 -3.70 12.28
CA VAL B 280 8.44 -4.97 12.20
C VAL B 280 7.68 -6.03 12.98
N LYS B 281 7.13 -5.67 14.13
CA LYS B 281 6.28 -6.60 14.87
C LYS B 281 5.09 -7.03 14.02
N LEU B 282 4.41 -6.07 13.40
CA LEU B 282 3.25 -6.41 12.57
C LEU B 282 3.67 -7.21 11.35
N LEU B 283 4.92 -7.07 10.92
CA LEU B 283 5.43 -7.85 9.81
C LEU B 283 5.37 -9.35 10.11
N GLY B 284 5.42 -9.72 11.40
CA GLY B 284 5.33 -11.10 11.81
C GLY B 284 3.94 -11.56 12.23
N ALA B 285 2.92 -10.73 12.05
CA ALA B 285 1.58 -11.12 12.44
C ALA B 285 1.13 -12.34 11.65
N THR B 286 0.09 -13.00 12.17
CA THR B 286 -0.50 -14.14 11.49
C THR B 286 -1.51 -13.71 10.42
N GLU B 287 -2.12 -12.55 10.59
CA GLU B 287 -3.14 -12.06 9.66
C GLU B 287 -2.45 -11.52 8.40
N LEU B 288 -2.69 -12.17 7.27
CA LEU B 288 -2.21 -11.67 6.00
C LEU B 288 -2.66 -10.23 5.72
N PRO B 289 -3.87 -9.81 6.08
CA PRO B 289 -4.25 -8.40 5.89
C PRO B 289 -3.38 -7.43 6.67
N ILE B 290 -2.69 -7.88 7.71
CA ILE B 290 -1.74 -7.03 8.40
C ILE B 290 -0.35 -7.10 7.77
N VAL B 291 0.10 -8.31 7.48
CA VAL B 291 1.45 -8.49 6.93
C VAL B 291 1.59 -7.69 5.63
N THR B 292 0.58 -7.74 4.78
CA THR B 292 0.68 -7.11 3.46
C THR B 292 0.98 -5.62 3.57
N PRO B 293 0.16 -4.81 4.26
CA PRO B 293 0.51 -3.39 4.36
C PRO B 293 1.76 -3.14 5.19
N ALA B 294 1.99 -3.92 6.25
CA ALA B 294 3.22 -3.76 7.02
C ALA B 294 4.45 -3.93 6.14
N LEU B 295 4.44 -4.97 5.31
CA LEU B 295 5.58 -5.21 4.42
C LEU B 295 5.72 -4.10 3.38
N ARG B 296 4.60 -3.61 2.85
CA ARG B 296 4.68 -2.50 1.89
C ARG B 296 5.32 -1.28 2.54
N ALA B 297 4.93 -0.98 3.79
CA ALA B 297 5.49 0.17 4.49
C ALA B 297 6.98 0.00 4.72
N ILE B 298 7.39 -1.19 5.19
CA ILE B 298 8.80 -1.45 5.41
C ILE B 298 9.56 -1.35 4.09
N GLY B 299 8.98 -1.93 3.03
CA GLY B 299 9.60 -1.82 1.72
C GLY B 299 9.77 -0.37 1.28
N ASN B 300 8.75 0.45 1.47
CA ASN B 300 8.88 1.86 1.10
C ASN B 300 9.99 2.52 1.91
N ILE B 301 10.07 2.21 3.21
CA ILE B 301 11.04 2.89 4.06
C ILE B 301 12.46 2.59 3.59
N VAL B 302 12.72 1.36 3.13
CA VAL B 302 14.07 1.01 2.70
C VAL B 302 14.37 1.48 1.28
N THR B 303 13.44 2.16 0.61
CA THR B 303 13.81 2.91 -0.59
C THR B 303 14.41 4.27 -0.25
N GLY B 304 14.50 4.61 1.02
CA GLY B 304 14.97 5.92 1.42
C GLY B 304 16.47 5.94 1.62
N THR B 305 16.93 6.71 2.60
CA THR B 305 18.36 6.82 2.84
C THR B 305 18.90 5.57 3.51
N ASP B 306 20.21 5.41 3.46
CA ASP B 306 20.86 4.32 4.18
C ASP B 306 20.55 4.41 5.67
N GLU B 307 20.39 5.63 6.19
CA GLU B 307 20.08 5.78 7.61
C GLU B 307 18.65 5.34 7.92
N GLN B 308 17.70 5.66 7.03
CA GLN B 308 16.34 5.19 7.20
C GLN B 308 16.28 3.67 7.07
N THR B 309 17.02 3.11 6.11
CA THR B 309 17.11 1.66 5.98
C THR B 309 17.69 1.02 7.23
N GLN B 310 18.67 1.68 7.86
CA GLN B 310 19.32 1.10 9.02
C GLN B 310 18.36 0.95 10.19
N LYS B 311 17.37 1.84 10.30
CA LYS B 311 16.40 1.72 11.37
C LYS B 311 15.53 0.47 11.20
N VAL B 312 15.25 0.09 9.96
CA VAL B 312 14.54 -1.16 9.70
C VAL B 312 15.38 -2.35 10.16
N ILE B 313 16.67 -2.34 9.82
CA ILE B 313 17.55 -3.44 10.21
C ILE B 313 17.71 -3.47 11.73
N ASP B 314 17.96 -2.29 12.33
CA ASP B 314 18.12 -2.21 13.78
C ASP B 314 16.90 -2.73 14.51
N ALA B 315 15.71 -2.56 13.94
CA ALA B 315 14.48 -3.00 14.58
C ALA B 315 14.30 -4.51 14.52
N GLY B 316 15.14 -5.23 13.77
CA GLY B 316 15.04 -6.67 13.69
C GLY B 316 14.29 -7.21 12.50
N ALA B 317 14.11 -6.41 11.45
CA ALA B 317 13.27 -6.83 10.32
C ALA B 317 13.84 -8.04 9.61
N LEU B 318 15.18 -8.15 9.52
CA LEU B 318 15.75 -9.19 8.67
C LEU B 318 15.43 -10.59 9.20
N ALA B 319 15.26 -10.73 10.52
CA ALA B 319 14.93 -12.04 11.09
C ALA B 319 13.59 -12.56 10.60
N VAL B 320 12.74 -11.70 10.04
CA VAL B 320 11.44 -12.15 9.53
C VAL B 320 11.50 -12.62 8.09
N PHE B 321 12.58 -12.33 7.38
CA PHE B 321 12.57 -12.62 5.95
C PHE B 321 12.76 -14.10 5.60
N PRO B 322 13.31 -14.95 6.46
CA PRO B 322 13.25 -16.39 6.15
C PRO B 322 11.83 -16.83 5.85
N SER B 323 10.87 -16.37 6.64
CA SER B 323 9.47 -16.73 6.40
CA SER B 323 9.47 -16.72 6.41
CA SER B 323 9.46 -16.72 6.42
C SER B 323 8.88 -15.95 5.23
N LEU B 324 9.14 -14.64 5.16
CA LEU B 324 8.56 -13.85 4.08
C LEU B 324 9.05 -14.33 2.72
N LEU B 325 10.33 -14.70 2.61
CA LEU B 325 10.87 -15.14 1.32
C LEU B 325 10.43 -16.55 0.94
N THR B 326 9.75 -17.27 1.84
CA THR B 326 9.13 -18.55 1.52
C THR B 326 7.62 -18.51 1.69
N ASN B 327 7.03 -17.33 1.84
CA ASN B 327 5.61 -17.22 2.15
C ASN B 327 4.77 -17.79 1.01
N PRO B 328 3.75 -18.59 1.33
CA PRO B 328 2.92 -19.19 0.26
C PRO B 328 2.18 -18.17 -0.59
N LYS B 329 1.96 -16.95 -0.12
CA LYS B 329 1.30 -15.92 -0.92
C LYS B 329 2.33 -15.30 -1.87
N THR B 330 2.09 -15.43 -3.18
CA THR B 330 3.07 -14.96 -4.16
C THR B 330 3.37 -13.48 -3.97
N ASN B 331 2.36 -12.67 -3.61
CA ASN B 331 2.59 -11.24 -3.49
C ASN B 331 3.47 -10.90 -2.30
N ILE B 332 3.32 -11.62 -1.18
CA ILE B 332 4.20 -11.42 -0.04
C ILE B 332 5.64 -11.74 -0.43
N GLN B 333 5.83 -12.87 -1.12
CA GLN B 333 7.17 -13.28 -1.54
C GLN B 333 7.78 -12.25 -2.48
N LYS B 334 6.99 -11.74 -3.43
CA LYS B 334 7.51 -10.76 -4.37
C LYS B 334 7.91 -9.47 -3.66
N GLU B 335 7.03 -8.94 -2.81
CA GLU B 335 7.32 -7.70 -2.11
C GLU B 335 8.48 -7.87 -1.12
N ALA B 336 8.62 -9.05 -0.52
CA ALA B 336 9.76 -9.28 0.36
C ALA B 336 11.07 -9.29 -0.42
N THR B 337 11.07 -9.84 -1.63
CA THR B 337 12.28 -9.85 -2.44
C THR B 337 12.59 -8.45 -2.98
N TRP B 338 11.56 -7.69 -3.35
CA TRP B 338 11.77 -6.29 -3.70
C TRP B 338 12.38 -5.52 -2.54
N THR B 339 11.84 -5.71 -1.33
CA THR B 339 12.42 -5.11 -0.13
C THR B 339 13.88 -5.52 0.04
N MET B 340 14.19 -6.80 -0.15
CA MET B 340 15.58 -7.25 -0.02
C MET B 340 16.47 -6.55 -1.04
N SER B 341 15.95 -6.34 -2.25
CA SER B 341 16.76 -5.73 -3.31
C SER B 341 17.16 -4.30 -2.95
N ASN B 342 16.29 -3.58 -2.27
CA ASN B 342 16.65 -2.24 -1.83
C ASN B 342 17.57 -2.27 -0.63
N ILE B 343 17.53 -3.33 0.17
CA ILE B 343 18.48 -3.44 1.27
C ILE B 343 19.86 -3.79 0.73
N THR B 344 19.94 -4.66 -0.28
CA THR B 344 21.24 -5.00 -0.85
C THR B 344 21.79 -3.89 -1.73
N ALA B 345 20.98 -2.88 -2.06
CA ALA B 345 21.47 -1.66 -2.68
C ALA B 345 22.07 -0.70 -1.65
N GLY B 346 22.18 -1.12 -0.39
CA GLY B 346 22.67 -0.27 0.68
C GLY B 346 24.16 -0.37 0.88
N ARG B 347 24.59 -0.05 2.09
CA ARG B 347 26.00 -0.01 2.43
C ARG B 347 26.52 -1.43 2.66
N GLN B 348 27.85 -1.54 2.65
CA GLN B 348 28.49 -2.84 2.80
C GLN B 348 28.19 -3.47 4.15
N ASP B 349 28.12 -2.65 5.21
CA ASP B 349 27.74 -3.18 6.52
C ASP B 349 26.28 -3.63 6.54
N GLN B 350 25.45 -3.12 5.63
CA GLN B 350 24.06 -3.57 5.58
C GLN B 350 23.94 -4.86 4.78
N ILE B 351 24.66 -4.96 3.66
CA ILE B 351 24.84 -6.25 3.00
C ILE B 351 25.33 -7.29 3.99
N GLN B 352 26.28 -6.91 4.85
CA GLN B 352 26.84 -7.89 5.79
C GLN B 352 25.78 -8.40 6.75
N GLN B 353 24.83 -7.55 7.13
CA GLN B 353 23.72 -7.99 7.96
C GLN B 353 22.83 -8.99 7.22
N VAL B 354 22.61 -8.75 5.93
CA VAL B 354 21.88 -9.72 5.11
C VAL B 354 22.57 -11.08 5.16
N VAL B 355 23.90 -11.08 5.04
CA VAL B 355 24.66 -12.32 5.13
C VAL B 355 24.52 -12.94 6.51
N ASN B 356 24.70 -12.13 7.55
CA ASN B 356 24.69 -12.66 8.92
C ASN B 356 23.35 -13.29 9.26
N HIS B 357 22.27 -12.75 8.74
CA HIS B 357 20.95 -13.30 8.97
C HIS B 357 20.66 -14.52 8.12
N GLY B 358 21.63 -14.97 7.31
CA GLY B 358 21.45 -16.17 6.52
C GLY B 358 20.48 -16.02 5.37
N LEU B 359 20.36 -14.82 4.80
CA LEU B 359 19.33 -14.59 3.80
C LEU B 359 19.80 -14.85 2.38
N VAL B 360 21.10 -15.02 2.15
CA VAL B 360 21.59 -15.26 0.80
C VAL B 360 21.09 -16.63 0.32
N PRO B 361 21.14 -17.69 1.13
CA PRO B 361 20.50 -18.94 0.71
C PRO B 361 19.03 -18.77 0.33
N PHE B 362 18.32 -17.89 1.04
CA PHE B 362 16.91 -17.66 0.70
C PHE B 362 16.78 -16.94 -0.63
N LEU B 363 17.70 -16.03 -0.94
CA LEU B 363 17.69 -15.42 -2.27
C LEU B 363 18.05 -16.44 -3.34
N VAL B 364 18.98 -17.35 -3.05
CA VAL B 364 19.27 -18.41 -4.01
C VAL B 364 18.02 -19.24 -4.27
N GLY B 365 17.26 -19.52 -3.21
CA GLY B 365 16.04 -20.31 -3.38
C GLY B 365 15.02 -19.62 -4.27
N VAL B 366 14.74 -18.35 -3.99
CA VAL B 366 13.75 -17.63 -4.79
C VAL B 366 14.19 -17.56 -6.24
N LEU B 367 15.48 -17.31 -6.46
CA LEU B 367 16.01 -17.33 -7.82
C LEU B 367 15.82 -18.70 -8.46
N SER B 368 15.98 -19.77 -7.67
CA SER B 368 15.83 -21.13 -8.21
C SER B 368 14.38 -21.44 -8.56
N LYS B 369 13.44 -21.04 -7.71
CA LYS B 369 12.05 -21.42 -7.89
C LYS B 369 11.17 -20.39 -7.22
N ALA B 370 10.32 -19.73 -8.00
CA ALA B 370 9.37 -18.74 -7.52
C ALA B 370 8.61 -18.26 -8.74
N ASP B 371 7.50 -17.55 -8.49
CA ASP B 371 6.84 -16.82 -9.56
C ASP B 371 7.86 -15.96 -10.30
N PHE B 372 7.71 -15.88 -11.63
CA PHE B 372 8.71 -15.18 -12.42
C PHE B 372 8.91 -13.73 -11.95
N LYS B 373 7.83 -13.06 -11.55
CA LYS B 373 7.96 -11.68 -11.11
C LYS B 373 8.79 -11.59 -9.84
N THR B 374 8.66 -12.58 -8.95
CA THR B 374 9.53 -12.63 -7.78
C THR B 374 10.98 -12.91 -8.18
N GLN B 375 11.18 -13.83 -9.12
CA GLN B 375 12.53 -14.12 -9.58
C GLN B 375 13.19 -12.88 -10.15
N LYS B 376 12.40 -12.03 -10.82
CA LYS B 376 12.92 -10.77 -11.35
C LYS B 376 13.45 -9.88 -10.23
N GLU B 377 12.66 -9.73 -9.15
CA GLU B 377 13.13 -8.98 -8.00
C GLU B 377 14.39 -9.61 -7.39
N ALA B 378 14.51 -10.94 -7.44
CA ALA B 378 15.69 -11.59 -6.88
C ALA B 378 16.92 -11.27 -7.71
N ALA B 379 16.79 -11.28 -9.04
CA ALA B 379 17.90 -10.88 -9.89
C ALA B 379 18.36 -9.46 -9.57
N TRP B 380 17.41 -8.55 -9.32
CA TRP B 380 17.76 -7.19 -8.92
C TRP B 380 18.50 -7.18 -7.58
N ALA B 381 18.01 -7.96 -6.61
CA ALA B 381 18.68 -8.01 -5.32
C ALA B 381 20.12 -8.49 -5.47
N ILE B 382 20.35 -9.47 -6.36
CA ILE B 382 21.70 -9.99 -6.57
C ILE B 382 22.58 -8.94 -7.24
N THR B 383 22.09 -8.32 -8.31
CA THR B 383 22.90 -7.33 -9.00
C THR B 383 23.24 -6.16 -8.08
N ASN B 384 22.26 -5.66 -7.31
CA ASN B 384 22.56 -4.61 -6.35
C ASN B 384 23.59 -5.08 -5.33
N TYR B 385 23.44 -6.32 -4.84
CA TYR B 385 24.43 -6.90 -3.93
C TYR B 385 25.82 -6.89 -4.56
N THR B 386 25.94 -7.38 -5.79
CA THR B 386 27.26 -7.45 -6.41
C THR B 386 27.80 -6.07 -6.74
N SER B 387 26.92 -5.10 -6.95
CA SER B 387 27.37 -3.75 -7.28
C SER B 387 28.09 -3.10 -6.11
N GLY B 388 27.55 -3.23 -4.90
CA GLY B 388 28.08 -2.52 -3.76
C GLY B 388 28.85 -3.39 -2.77
N GLY B 389 28.90 -4.70 -3.03
CA GLY B 389 29.48 -5.60 -2.06
C GLY B 389 30.99 -5.70 -2.15
N THR B 390 31.57 -6.14 -1.03
CA THR B 390 32.99 -6.45 -0.98
C THR B 390 33.29 -7.70 -1.80
N VAL B 391 34.58 -7.89 -2.10
CA VAL B 391 35.00 -9.10 -2.81
C VAL B 391 34.60 -10.34 -2.02
N GLU B 392 34.76 -10.31 -0.69
CA GLU B 392 34.44 -11.46 0.13
C GLU B 392 32.94 -11.73 0.13
N GLN B 393 32.13 -10.67 0.16
CA GLN B 393 30.68 -10.86 0.12
C GLN B 393 30.25 -11.41 -1.23
N ILE B 394 30.87 -10.94 -2.31
CA ILE B 394 30.52 -11.45 -3.63
C ILE B 394 30.92 -12.90 -3.78
N VAL B 395 32.09 -13.27 -3.25
CA VAL B 395 32.55 -14.66 -3.30
C VAL B 395 31.55 -15.57 -2.59
N TYR B 396 31.15 -15.17 -1.38
CA TYR B 396 30.17 -15.94 -0.60
C TYR B 396 28.93 -16.23 -1.44
N LEU B 397 28.51 -15.27 -2.25
CA LEU B 397 27.37 -15.45 -3.13
C LEU B 397 27.52 -16.69 -4.00
N VAL B 398 28.72 -16.88 -4.55
CA VAL B 398 28.95 -18.05 -5.39
C VAL B 398 28.97 -19.33 -4.55
N HIS B 399 29.60 -19.29 -3.39
CA HIS B 399 29.63 -20.47 -2.51
C HIS B 399 28.23 -20.90 -2.12
N CYS B 400 27.27 -19.97 -2.07
CA CYS B 400 25.89 -20.33 -1.75
C CYS B 400 25.11 -20.92 -2.92
N GLY B 401 25.69 -20.93 -4.11
CA GLY B 401 25.06 -21.54 -5.25
C GLY B 401 24.30 -20.61 -6.17
N ILE B 402 24.71 -19.35 -6.28
CA ILE B 402 23.92 -18.39 -7.05
C ILE B 402 24.04 -18.63 -8.56
N ILE B 403 25.17 -19.19 -9.02
CA ILE B 403 25.48 -19.15 -10.45
C ILE B 403 24.46 -19.94 -11.25
N GLU B 404 24.19 -21.18 -10.86
CA GLU B 404 23.30 -22.01 -11.66
C GLU B 404 21.90 -21.42 -11.80
N PRO B 405 21.19 -21.08 -10.73
CA PRO B 405 19.87 -20.45 -10.93
C PRO B 405 19.95 -19.12 -11.67
N LEU B 406 21.02 -18.35 -11.48
CA LEU B 406 21.17 -17.11 -12.22
C LEU B 406 21.33 -17.38 -13.71
N MET B 407 22.08 -18.43 -14.05
CA MET B 407 22.27 -18.80 -15.45
C MET B 407 20.97 -19.29 -16.08
N ASN B 408 20.19 -20.07 -15.34
CA ASN B 408 18.96 -20.62 -15.88
C ASN B 408 17.94 -19.53 -16.20
N LEU B 409 18.04 -18.37 -15.55
CA LEU B 409 17.09 -17.29 -15.82
C LEU B 409 17.48 -16.46 -17.04
N LEU B 410 18.69 -16.64 -17.58
CA LEU B 410 19.05 -16.00 -18.83
C LEU B 410 18.23 -16.53 -20.00
N SER B 411 17.57 -17.67 -19.82
CA SER B 411 16.64 -18.20 -20.81
C SER B 411 15.30 -17.49 -20.81
N ALA B 412 15.08 -16.56 -19.89
CA ALA B 412 13.83 -15.83 -19.84
C ALA B 412 13.68 -14.94 -21.07
N LYS B 413 12.43 -14.76 -21.50
CA LYS B 413 12.17 -13.90 -22.64
C LYS B 413 12.25 -12.43 -22.27
N ASP B 414 11.94 -12.08 -21.02
CA ASP B 414 12.02 -10.70 -20.57
C ASP B 414 13.42 -10.16 -20.80
N THR B 415 13.51 -9.02 -21.49
CA THR B 415 14.81 -8.47 -21.87
C THR B 415 15.51 -7.80 -20.69
N LYS B 416 14.76 -7.26 -19.74
CA LYS B 416 15.38 -6.50 -18.66
C LYS B 416 16.11 -7.40 -17.68
N ILE B 417 15.52 -8.54 -17.32
CA ILE B 417 16.20 -9.47 -16.41
C ILE B 417 17.53 -9.92 -17.00
N ILE B 418 17.56 -10.10 -18.33
CA ILE B 418 18.80 -10.54 -18.98
C ILE B 418 19.90 -9.49 -18.79
N GLN B 419 19.54 -8.21 -18.88
CA GLN B 419 20.54 -7.17 -18.67
C GLN B 419 20.98 -7.14 -17.21
N VAL B 420 20.04 -7.35 -16.29
CA VAL B 420 20.37 -7.35 -14.87
C VAL B 420 21.29 -8.52 -14.53
N ILE B 421 20.95 -9.71 -15.04
CA ILE B 421 21.75 -10.89 -14.76
C ILE B 421 23.16 -10.73 -15.33
N LEU B 422 23.25 -10.27 -16.58
CA LEU B 422 24.56 -10.11 -17.21
C LEU B 422 25.42 -9.12 -16.44
N ASP B 423 24.81 -8.06 -15.90
CA ASP B 423 25.57 -7.11 -15.10
C ASP B 423 26.04 -7.74 -13.79
N ALA B 424 25.23 -8.63 -13.20
CA ALA B 424 25.67 -9.31 -12.00
C ALA B 424 26.84 -10.25 -12.30
N ILE B 425 26.75 -10.99 -13.42
CA ILE B 425 27.82 -11.89 -13.80
C ILE B 425 29.13 -11.12 -13.98
N SER B 426 29.05 -9.94 -14.59
CA SER B 426 30.25 -9.12 -14.77
C SER B 426 30.85 -8.74 -13.41
N ASN B 427 30.00 -8.27 -12.49
CA ASN B 427 30.50 -7.88 -11.17
C ASN B 427 31.11 -9.06 -10.44
N ILE B 428 30.59 -10.26 -10.64
CA ILE B 428 31.15 -11.42 -9.96
C ILE B 428 32.50 -11.78 -10.56
N PHE B 429 32.63 -11.69 -11.88
CA PHE B 429 33.93 -11.90 -12.51
C PHE B 429 34.95 -10.89 -12.01
N GLN B 430 34.55 -9.62 -11.91
CA GLN B 430 35.47 -8.59 -11.46
C GLN B 430 35.97 -8.88 -10.05
N ALA B 431 35.10 -9.40 -9.19
CA ALA B 431 35.56 -9.81 -7.86
C ALA B 431 36.52 -10.99 -7.96
N ALA B 432 36.31 -11.89 -8.94
CA ALA B 432 37.20 -13.02 -9.09
C ALA B 432 38.54 -12.60 -9.70
N GLU B 433 38.53 -11.61 -10.59
CA GLU B 433 39.79 -11.07 -11.10
C GLU B 433 40.70 -10.64 -9.96
N LYS B 434 40.13 -10.00 -8.93
CA LYS B 434 40.91 -9.52 -7.80
C LYS B 434 41.45 -10.64 -6.93
N LEU B 435 40.95 -11.88 -7.11
CA LEU B 435 41.52 -13.05 -6.46
C LEU B 435 42.21 -13.99 -7.44
N GLY B 436 42.20 -13.66 -8.73
CA GLY B 436 42.84 -14.51 -9.72
C GLY B 436 42.16 -15.84 -9.94
N GLU B 437 40.85 -15.91 -9.70
CA GLU B 437 40.09 -17.14 -9.84
C GLU B 437 39.07 -17.07 -10.97
N THR B 438 39.30 -16.20 -11.95
CA THR B 438 38.35 -16.04 -13.04
C THR B 438 38.13 -17.36 -13.78
N GLU B 439 39.19 -18.16 -13.92
CA GLU B 439 39.07 -19.42 -14.65
C GLU B 439 38.11 -20.36 -13.95
N LYS B 440 38.28 -20.55 -12.64
CA LYS B 440 37.38 -21.44 -11.90
C LYS B 440 35.93 -21.00 -12.06
N LEU B 441 35.68 -19.69 -12.04
CA LEU B 441 34.33 -19.19 -12.28
C LEU B 441 33.86 -19.53 -13.69
N SER B 442 34.70 -19.25 -14.69
CA SER B 442 34.36 -19.57 -16.07
C SER B 442 33.97 -21.04 -16.21
N ILE B 443 34.62 -21.93 -15.44
CA ILE B 443 34.31 -23.35 -15.52
C ILE B 443 32.94 -23.64 -14.91
N MET B 444 32.63 -23.01 -13.77
CA MET B 444 31.28 -23.13 -13.22
C MET B 444 30.23 -22.79 -14.26
N ILE B 445 30.43 -21.67 -14.95
CA ILE B 445 29.41 -21.18 -15.88
C ILE B 445 29.28 -22.11 -17.07
N GLU B 446 30.40 -22.68 -17.53
CA GLU B 446 30.33 -23.61 -18.65
C GLU B 446 29.64 -24.92 -18.24
N GLU B 447 29.96 -25.43 -17.05
CA GLU B 447 29.45 -26.73 -16.64
C GLU B 447 27.94 -26.72 -16.47
N CYS B 448 27.36 -25.61 -16.02
CA CYS B 448 25.92 -25.52 -15.83
C CYS B 448 25.18 -25.06 -17.07
N GLY B 449 25.89 -24.83 -18.17
CA GLY B 449 25.27 -24.40 -19.41
C GLY B 449 25.09 -22.91 -19.56
N GLY B 450 25.75 -22.10 -18.74
CA GLY B 450 25.61 -20.66 -18.88
C GLY B 450 26.35 -20.12 -20.09
N LEU B 451 27.52 -20.67 -20.38
CA LEU B 451 28.28 -20.24 -21.56
C LEU B 451 27.44 -20.39 -22.82
N ASP B 452 26.74 -21.51 -22.96
CA ASP B 452 25.86 -21.68 -24.11
C ASP B 452 24.81 -20.58 -24.16
N LYS B 453 24.28 -20.19 -23.01
CA LYS B 453 23.25 -19.15 -22.97
C LYS B 453 23.84 -17.78 -23.29
N ILE B 454 25.00 -17.46 -22.72
CA ILE B 454 25.63 -16.17 -23.00
C ILE B 454 26.02 -16.09 -24.46
N GLU B 455 26.54 -17.18 -25.02
CA GLU B 455 26.90 -17.20 -26.44
C GLU B 455 25.68 -16.95 -27.31
N ALA B 456 24.56 -17.61 -27.00
CA ALA B 456 23.34 -17.41 -27.77
C ALA B 456 22.83 -15.99 -27.63
N LEU B 457 23.14 -15.31 -26.52
CA LEU B 457 22.70 -13.94 -26.32
C LEU B 457 23.45 -12.94 -27.20
N GLN B 458 24.57 -13.34 -27.79
CA GLN B 458 25.22 -12.48 -28.77
C GLN B 458 24.36 -12.27 -30.00
N ARG B 459 23.43 -13.19 -30.26
CA ARG B 459 22.45 -13.06 -31.33
C ARG B 459 21.18 -12.36 -30.89
N HIS B 460 21.08 -11.95 -29.63
CA HIS B 460 19.90 -11.26 -29.15
C HIS B 460 19.72 -9.93 -29.88
N GLU B 461 18.46 -9.58 -30.16
CA GLU B 461 18.20 -8.38 -30.95
C GLU B 461 18.44 -7.11 -30.17
N ASN B 462 18.26 -7.13 -28.85
CA ASN B 462 18.51 -5.94 -28.05
C ASN B 462 19.98 -5.58 -28.09
N GLU B 463 20.26 -4.26 -28.09
CA GLU B 463 21.63 -3.80 -28.27
C GLU B 463 22.49 -4.08 -27.04
N SER B 464 22.07 -3.56 -25.88
CA SER B 464 22.89 -3.70 -24.67
C SER B 464 23.08 -5.17 -24.30
N VAL B 465 22.12 -6.03 -24.63
CA VAL B 465 22.24 -7.45 -24.29
C VAL B 465 23.38 -8.09 -25.07
N TYR B 466 23.28 -8.10 -26.40
CA TYR B 466 24.33 -8.70 -27.22
C TYR B 466 25.65 -7.95 -27.08
N LYS B 467 25.65 -6.75 -26.50
CA LYS B 467 26.89 -6.05 -26.21
C LYS B 467 27.56 -6.63 -24.96
N ALA B 468 26.80 -6.76 -23.87
CA ALA B 468 27.38 -7.26 -22.63
C ALA B 468 27.79 -8.72 -22.75
N SER B 469 26.98 -9.54 -23.42
CA SER B 469 27.31 -10.96 -23.56
C SER B 469 28.62 -11.14 -24.33
N LEU B 470 28.81 -10.38 -25.41
CA LEU B 470 30.05 -10.48 -26.16
C LEU B 470 31.25 -10.09 -25.30
N ASN B 471 31.12 -9.01 -24.52
CA ASN B 471 32.21 -8.59 -23.66
C ASN B 471 32.64 -9.70 -22.71
N LEU B 472 31.67 -10.39 -22.10
CA LEU B 472 32.01 -11.49 -21.19
C LEU B 472 32.68 -12.63 -21.95
N ILE B 473 32.18 -12.94 -23.16
CA ILE B 473 32.75 -14.03 -23.94
C ILE B 473 34.21 -13.75 -24.26
N GLU B 474 34.49 -12.54 -24.77
CA GLU B 474 35.85 -12.22 -25.18
C GLU B 474 36.78 -11.98 -23.99
N LYS B 475 36.23 -11.53 -22.87
CA LYS B 475 37.08 -11.14 -21.73
C LYS B 475 37.41 -12.31 -20.81
N TYR B 476 36.52 -13.29 -20.68
CA TYR B 476 36.72 -14.37 -19.72
C TYR B 476 36.62 -15.77 -20.32
N PHE B 477 36.05 -15.94 -21.51
CA PHE B 477 35.86 -17.25 -22.12
C PHE B 477 36.68 -17.43 -23.39
N SER B 478 37.78 -16.69 -23.52
CA SER B 478 38.66 -16.81 -24.68
C SER B 478 39.97 -17.51 -24.32
N LYS C 1 -9.89 3.86 -1.57
CA LYS C 1 -10.95 2.94 -1.94
C LYS C 1 -12.28 3.46 -1.39
N LYS C 2 -13.38 2.79 -1.75
CA LYS C 2 -14.72 3.17 -1.36
C LYS C 2 -15.48 1.94 -0.86
N LEU C 3 -16.34 2.15 0.14
CA LEU C 3 -17.10 1.06 0.76
C LEU C 3 -18.56 1.47 0.86
N ALA C 4 -19.46 0.60 0.41
CA ALA C 4 -20.89 0.79 0.59
C ALA C 4 -21.32 0.15 1.90
N ARG C 5 -22.29 0.77 2.59
CA ARG C 5 -22.85 0.21 3.81
C ARG C 5 -24.04 -0.69 3.46
N GLU C 6 -23.93 -1.98 3.82
CA GLU C 6 -24.99 -2.96 3.61
C GLU C 6 -25.58 -2.88 2.20
#